data_9LAD
#
_entry.id   9LAD
#
_cell.length_a   93.574
_cell.length_b   118.234
_cell.length_c   39.464
_cell.angle_alpha   90.000
_cell.angle_beta   90.000
_cell.angle_gamma   90.000
#
_symmetry.space_group_name_H-M   'P 21 21 2'
#
loop_
_entity.id
_entity.type
_entity.pdbx_description
1 polymer 'N1 VHH'
2 polymer 'Neuronal pentraxin-2'
3 non-polymer 'AZIDE ION'
4 non-polymer 'CALCIUM ION'
5 non-polymer 'CHLORIDE ION'
6 non-polymer GLYCEROL
7 water water
#
loop_
_entity_poly.entity_id
_entity_poly.type
_entity_poly.pdbx_seq_one_letter_code
_entity_poly.pdbx_strand_id
1 'polypeptide(L)'
;QLQLVESGGGLVQAGDSLKLSCIDSGSTFNLYAMGWFRQAPGKEREFVASISRGGGSSYYADSQLKGRFTISRDNAKNTV
YLQMNSLKPEDTAVYYCNARAGRYDYWGQGTQVTVSSAAGHHHHHH
;
B
2 'polypeptide(L)'
;GDAFKVSLPLRTNYLYGKIKKTLPELYAFTICLWLRSSASPGIGTPFSYAVPGQANEIVLIEWGNNPIELLINDKVAQLP
LFVSDGKWHHICITWTTRDGMWEAFQDGEKLGTGENLAPWHPIKPGGVLILGQEQDTVGGRFDATQAFVGELSQFNIWDR
VLRAQEIINIANCSTNMPGNIIPWVDNNVDVFGGASKWPVETCEERLLDLAAAHHHHHH
;
C
#
loop_
_chem_comp.id
_chem_comp.type
_chem_comp.name
_chem_comp.formula
AZI non-polymer 'AZIDE ION' 'N3 -1'
CA non-polymer 'CALCIUM ION' 'Ca 2'
CL non-polymer 'CHLORIDE ION' 'Cl -1'
GOL non-polymer GLYCEROL 'C3 H8 O3'
#
# COMPACT_ATOMS: atom_id res chain seq x y z
N GLN A 1 -15.57 22.26 -1.00
CA GLN A 1 -15.52 22.75 0.41
C GLN A 1 -14.07 23.04 0.85
N LEU A 2 -13.09 23.07 -0.07
CA LEU A 2 -11.70 23.28 0.32
C LEU A 2 -10.90 23.91 -0.83
N GLN A 3 -10.06 24.90 -0.49
CA GLN A 3 -9.21 25.59 -1.45
C GLN A 3 -7.79 25.67 -0.89
N LEU A 4 -6.94 24.76 -1.35
CA LEU A 4 -5.63 24.60 -0.77
C LEU A 4 -4.63 25.44 -1.56
N VAL A 5 -3.73 26.14 -0.85
CA VAL A 5 -2.69 26.89 -1.50
C VAL A 5 -1.34 26.53 -0.88
N GLU A 6 -0.42 26.07 -1.73
CA GLU A 6 0.92 25.73 -1.29
C GLU A 6 1.80 26.96 -1.45
N SER A 7 2.80 27.05 -0.57
CA SER A 7 3.79 28.12 -0.58
C SER A 7 5.03 27.59 0.09
N GLY A 8 6.11 28.38 0.01
CA GLY A 8 7.38 28.08 0.68
C GLY A 8 8.41 27.49 -0.27
N GLY A 9 8.00 27.27 -1.53
CA GLY A 9 8.89 26.65 -2.49
C GLY A 9 9.85 27.67 -3.08
N GLY A 10 10.82 27.19 -3.88
CA GLY A 10 11.66 28.10 -4.65
C GLY A 10 12.95 27.44 -5.10
N LEU A 11 13.92 28.30 -5.49
CA LEU A 11 15.25 27.90 -5.92
C LEU A 11 16.10 27.69 -4.68
N VAL A 12 16.67 26.50 -4.52
CA VAL A 12 17.55 26.31 -3.38
C VAL A 12 18.76 25.48 -3.80
N GLN A 13 19.82 25.54 -2.99
CA GLN A 13 21.04 24.80 -3.27
C GLN A 13 20.94 23.43 -2.64
N ALA A 14 21.65 22.47 -3.25
CA ALA A 14 21.81 21.14 -2.67
C ALA A 14 22.30 21.28 -1.23
N GLY A 15 21.82 20.37 -0.37
CA GLY A 15 22.24 20.31 1.02
C GLY A 15 21.42 21.25 1.89
N ASP A 16 20.74 22.21 1.27
CA ASP A 16 19.92 23.16 2.01
C ASP A 16 18.62 22.53 2.50
N SER A 17 17.86 23.31 3.28
CA SER A 17 16.57 22.95 3.85
C SER A 17 15.52 23.93 3.34
N LEU A 18 14.24 23.56 3.53
CA LEU A 18 13.11 24.32 3.03
C LEU A 18 11.87 23.80 3.74
N LYS A 19 10.91 24.69 4.05
CA LYS A 19 9.69 24.24 4.68
C LYS A 19 8.49 24.67 3.85
N LEU A 20 7.75 23.71 3.26
CA LEU A 20 6.56 24.08 2.51
C LEU A 20 5.40 24.28 3.49
N SER A 21 4.43 25.12 3.10
CA SER A 21 3.19 25.19 3.85
C SER A 21 2.02 25.06 2.89
N CYS A 22 0.94 24.48 3.39
CA CYS A 22 -0.28 24.38 2.62
C CYS A 22 -1.46 24.81 3.47
N ILE A 23 -2.20 25.84 3.01
CA ILE A 23 -3.24 26.50 3.80
C ILE A 23 -4.61 26.32 3.14
N ASP A 24 -5.61 26.00 3.98
CA ASP A 24 -7.01 26.04 3.57
C ASP A 24 -7.57 27.37 4.04
N SER A 25 -8.38 28.00 3.18
CA SER A 25 -9.07 29.25 3.48
C SER A 25 -10.27 29.02 4.39
N GLY A 26 -10.84 27.81 4.33
CA GLY A 26 -12.08 27.49 5.03
C GLY A 26 -11.85 27.32 6.54
N SER A 27 -12.63 26.45 7.17
CA SER A 27 -12.54 26.27 8.62
C SER A 27 -13.06 24.89 9.04
N THR A 28 -12.77 23.88 8.21
CA THR A 28 -13.11 22.50 8.47
C THR A 28 -11.88 21.63 8.17
N PHE A 29 -10.71 22.25 8.26
CA PHE A 29 -9.43 21.62 8.00
C PHE A 29 -9.25 20.29 8.73
N ASN A 30 -9.80 20.18 9.95
CA ASN A 30 -9.51 19.07 10.82
C ASN A 30 -10.42 17.89 10.47
N LEU A 31 -11.28 18.05 9.46
CA LEU A 31 -11.99 16.92 8.92
C LEU A 31 -11.06 16.06 8.07
N TYR A 32 -9.93 16.62 7.63
CA TYR A 32 -9.22 16.10 6.48
C TYR A 32 -7.91 15.45 6.94
N ALA A 33 -7.63 14.25 6.41
CA ALA A 33 -6.26 13.78 6.38
C ALA A 33 -5.56 14.55 5.28
N MET A 34 -4.27 14.89 5.50
CA MET A 34 -3.53 15.75 4.59
C MET A 34 -2.31 15.01 4.05
N GLY A 35 -1.93 15.38 2.84
CA GLY A 35 -0.83 14.71 2.18
C GLY A 35 -0.05 15.63 1.25
N TRP A 36 1.21 15.24 1.07
CA TRP A 36 2.10 15.85 0.10
C TRP A 36 2.46 14.81 -0.95
N PHE A 37 2.39 15.25 -2.20
CA PHE A 37 2.85 14.52 -3.36
C PHE A 37 3.83 15.40 -4.13
N ARG A 38 4.57 14.83 -5.07
CA ARG A 38 5.46 15.63 -5.88
C ARG A 38 5.56 15.03 -7.27
N GLN A 39 5.78 15.93 -8.24
CA GLN A 39 5.91 15.52 -9.62
C GLN A 39 7.10 16.23 -10.25
N ALA A 40 8.12 15.43 -10.60
CA ALA A 40 9.33 15.89 -11.25
C ALA A 40 9.13 15.85 -12.76
N PRO A 41 9.97 16.57 -13.54
CA PRO A 41 9.95 16.52 -15.01
C PRO A 41 9.72 15.18 -15.69
N GLY A 42 8.69 15.10 -16.53
CA GLY A 42 8.28 13.89 -17.21
C GLY A 42 8.31 12.67 -16.30
N LYS A 43 7.69 12.76 -15.13
CA LYS A 43 7.53 11.60 -14.27
C LYS A 43 6.16 11.64 -13.62
N GLU A 44 5.76 10.50 -13.09
CA GLU A 44 4.46 10.37 -12.46
C GLU A 44 4.49 11.13 -11.15
N ARG A 45 3.33 11.70 -10.76
CA ARG A 45 3.19 12.29 -9.45
C ARG A 45 3.34 11.18 -8.41
N GLU A 46 4.20 11.41 -7.40
CA GLU A 46 4.49 10.38 -6.41
CA GLU A 46 4.50 10.39 -6.41
C GLU A 46 4.17 10.91 -5.01
N PHE A 47 3.76 9.98 -4.14
CA PHE A 47 3.50 10.23 -2.74
C PHE A 47 4.79 10.57 -2.00
N VAL A 48 4.70 11.50 -1.05
CA VAL A 48 5.77 11.85 -0.14
C VAL A 48 5.37 11.43 1.27
N ALA A 49 4.29 12.04 1.80
CA ALA A 49 3.86 11.71 3.15
C ALA A 49 2.42 12.16 3.40
N SER A 50 1.81 11.59 4.44
CA SER A 50 0.47 12.00 4.84
C SER A 50 0.40 12.07 6.35
N ILE A 51 -0.64 12.74 6.87
CA ILE A 51 -0.82 12.94 8.31
C ILE A 51 -2.32 12.87 8.63
N SER A 52 -2.64 12.20 9.74
CA SER A 52 -4.01 12.05 10.19
C SER A 52 -4.59 13.41 10.61
N ARG A 53 -5.92 13.43 10.81
CA ARG A 53 -6.66 14.64 11.05
C ARG A 53 -6.15 15.41 12.27
N GLY A 54 -5.79 14.65 13.31
CA GLY A 54 -5.36 15.23 14.56
C GLY A 54 -3.84 15.36 14.64
N GLY A 55 -3.15 14.79 13.66
CA GLY A 55 -1.71 14.93 13.59
C GLY A 55 -1.00 13.89 14.45
N GLY A 56 -1.74 12.94 15.03
CA GLY A 56 -1.12 11.87 15.80
C GLY A 56 -0.42 10.78 14.98
N SER A 57 -0.80 10.59 13.71
CA SER A 57 -0.21 9.55 12.89
C SER A 57 0.32 10.15 11.57
N SER A 58 1.46 9.68 11.11
CA SER A 58 1.97 10.11 9.83
C SER A 58 2.66 8.96 9.10
N TYR A 59 2.70 9.05 7.77
CA TYR A 59 3.12 7.97 6.88
C TYR A 59 4.03 8.55 5.81
N TYR A 60 5.11 7.83 5.47
CA TYR A 60 6.08 8.27 4.49
C TYR A 60 6.11 7.23 3.36
N ALA A 61 6.49 7.68 2.16
CA ALA A 61 6.56 6.79 1.01
C ALA A 61 7.60 5.68 1.21
N ASP A 62 8.69 6.00 1.90
CA ASP A 62 9.81 5.06 2.09
C ASP A 62 10.77 5.69 3.11
N SER A 63 11.78 4.94 3.55
CA SER A 63 12.65 5.44 4.61
C SER A 63 13.63 6.51 4.10
N GLN A 64 14.00 6.52 2.81
CA GLN A 64 14.84 7.61 2.32
C GLN A 64 14.13 8.95 2.54
N LEU A 65 12.85 9.06 2.17
CA LEU A 65 12.14 10.31 2.34
C LEU A 65 11.91 10.60 3.81
N LYS A 66 11.54 9.55 4.56
CA LYS A 66 11.28 9.69 5.98
C LYS A 66 12.52 10.24 6.68
N GLY A 67 13.70 9.81 6.21
CA GLY A 67 14.97 10.23 6.78
C GLY A 67 15.18 11.75 6.75
N ARG A 68 14.57 12.46 5.80
CA ARG A 68 14.92 13.85 5.60
C ARG A 68 13.71 14.79 5.63
N PHE A 69 12.51 14.24 5.44
CA PHE A 69 11.29 15.03 5.38
C PHE A 69 10.44 14.81 6.63
N THR A 70 9.73 15.85 7.05
CA THR A 70 8.80 15.73 8.18
C THR A 70 7.50 16.43 7.83
N ILE A 71 6.41 15.69 7.95
CA ILE A 71 5.11 16.28 7.74
C ILE A 71 4.57 16.64 9.12
N SER A 72 3.93 17.81 9.23
CA SER A 72 3.25 18.20 10.45
C SER A 72 2.04 19.03 10.07
N ARG A 73 1.19 19.32 11.05
CA ARG A 73 0.07 20.20 10.80
C ARG A 73 -0.20 21.04 12.05
N ASP A 74 -0.90 22.16 11.84
CA ASP A 74 -1.40 22.99 12.93
C ASP A 74 -2.83 23.36 12.60
N ASN A 75 -3.78 22.62 13.21
CA ASN A 75 -5.20 22.73 12.92
C ASN A 75 -5.71 24.14 13.26
N ALA A 76 -5.08 24.80 14.22
CA ALA A 76 -5.43 26.17 14.56
C ALA A 76 -5.16 27.12 13.38
N LYS A 77 -4.10 26.80 12.60
CA LYS A 77 -3.70 27.64 11.49
C LYS A 77 -4.23 27.11 10.16
N ASN A 78 -5.03 26.05 10.21
CA ASN A 78 -5.56 25.46 8.98
C ASN A 78 -4.41 25.16 8.02
N THR A 79 -3.26 24.71 8.54
CA THR A 79 -2.07 24.56 7.68
C THR A 79 -1.45 23.18 7.85
N VAL A 80 -1.00 22.59 6.73
CA VAL A 80 -0.09 21.45 6.80
C VAL A 80 1.27 21.86 6.23
N TYR A 81 2.34 21.28 6.82
CA TYR A 81 3.69 21.66 6.52
C TYR A 81 4.46 20.46 5.99
N LEU A 82 5.57 20.75 5.28
CA LEU A 82 6.54 19.72 4.91
C LEU A 82 7.94 20.30 5.11
N GLN A 83 8.60 19.89 6.19
CA GLN A 83 9.99 20.22 6.42
C GLN A 83 10.84 19.29 5.59
N MET A 84 11.73 19.84 4.76
CA MET A 84 12.61 19.05 3.89
C MET A 84 14.06 19.44 4.15
N ASN A 85 14.87 18.47 4.58
CA ASN A 85 16.26 18.70 4.94
C ASN A 85 17.22 18.05 3.94
N SER A 86 18.44 18.59 3.87
CA SER A 86 19.52 18.00 3.09
C SER A 86 19.03 17.73 1.67
N LEU A 87 18.42 18.76 1.09
CA LEU A 87 17.71 18.61 -0.16
C LEU A 87 18.68 18.18 -1.26
N LYS A 88 18.23 17.22 -2.07
CA LYS A 88 18.98 16.78 -3.25
C LYS A 88 18.41 17.41 -4.52
N PRO A 89 19.23 17.50 -5.60
CA PRO A 89 18.71 17.86 -6.92
C PRO A 89 17.52 17.01 -7.36
N GLU A 90 17.56 15.72 -7.02
CA GLU A 90 16.49 14.80 -7.36
C GLU A 90 15.20 15.08 -6.57
N ASP A 91 15.21 16.06 -5.66
CA ASP A 91 13.99 16.42 -4.95
C ASP A 91 13.27 17.50 -5.75
N THR A 92 13.86 17.88 -6.90
CA THR A 92 13.31 18.96 -7.69
C THR A 92 11.97 18.47 -8.20
N ALA A 93 10.92 19.28 -8.05
CA ALA A 93 9.59 18.84 -8.43
C ALA A 93 8.59 19.92 -8.06
N VAL A 94 7.41 19.84 -8.65
CA VAL A 94 6.26 20.55 -8.12
C VAL A 94 5.71 19.68 -6.97
N TYR A 95 5.59 20.30 -5.79
CA TYR A 95 5.02 19.69 -4.60
C TYR A 95 3.56 20.12 -4.48
N TYR A 96 2.69 19.14 -4.28
CA TYR A 96 1.25 19.32 -4.27
C TYR A 96 0.74 18.91 -2.91
N CYS A 97 -0.23 19.66 -2.41
CA CYS A 97 -0.89 19.35 -1.15
C CYS A 97 -2.24 18.71 -1.49
N ASN A 98 -2.74 17.82 -0.61
CA ASN A 98 -3.83 16.91 -0.91
C ASN A 98 -4.62 16.65 0.37
N ALA A 99 -5.94 16.88 0.31
CA ALA A 99 -6.82 16.73 1.46
C ALA A 99 -7.81 15.63 1.15
N ARG A 100 -8.06 14.74 2.12
CA ARG A 100 -9.05 13.68 1.92
C ARG A 100 -9.94 13.48 3.13
N ALA A 101 -11.23 13.29 2.85
CA ALA A 101 -12.20 13.00 3.87
C ALA A 101 -13.37 12.33 3.20
N GLY A 102 -13.73 11.13 3.67
CA GLY A 102 -14.74 10.30 3.05
C GLY A 102 -14.40 10.13 1.57
N ARG A 103 -15.34 10.47 0.69
CA ARG A 103 -15.10 10.27 -0.72
C ARG A 103 -14.62 11.56 -1.38
N TYR A 104 -14.34 12.62 -0.60
CA TYR A 104 -13.90 13.88 -1.19
C TYR A 104 -12.37 13.99 -1.13
N ASP A 105 -11.80 14.44 -2.24
CA ASP A 105 -10.38 14.59 -2.41
C ASP A 105 -10.17 16.02 -2.92
N TYR A 106 -9.21 16.76 -2.36
CA TYR A 106 -8.93 18.09 -2.87
C TYR A 106 -7.43 18.23 -3.10
N TRP A 107 -7.07 19.04 -4.09
CA TRP A 107 -5.69 19.32 -4.41
C TRP A 107 -5.43 20.83 -4.53
N GLY A 108 -4.22 21.25 -4.16
CA GLY A 108 -3.71 22.57 -4.53
C GLY A 108 -3.10 22.58 -5.93
N GLN A 109 -2.61 23.74 -6.34
CA GLN A 109 -2.04 23.96 -7.66
C GLN A 109 -0.55 23.63 -7.66
N GLY A 110 0.05 23.52 -6.48
CA GLY A 110 1.42 23.06 -6.34
C GLY A 110 2.38 24.23 -6.16
N THR A 111 3.57 23.96 -5.59
CA THR A 111 4.60 24.96 -5.48
C THR A 111 5.90 24.35 -5.98
N GLN A 112 6.66 25.14 -6.76
CA GLN A 112 7.87 24.66 -7.40
C GLN A 112 9.03 24.59 -6.41
N VAL A 113 9.70 23.44 -6.37
CA VAL A 113 10.97 23.33 -5.67
C VAL A 113 12.06 22.93 -6.66
N THR A 114 13.08 23.77 -6.78
CA THR A 114 14.24 23.48 -7.63
C THR A 114 15.49 23.43 -6.75
N VAL A 115 16.15 22.27 -6.77
CA VAL A 115 17.39 22.04 -6.07
C VAL A 115 18.50 21.76 -7.09
N SER A 116 19.51 22.61 -7.11
CA SER A 116 20.59 22.52 -8.09
C SER A 116 21.92 22.48 -7.35
N SER A 117 22.79 21.58 -7.80
CA SER A 117 24.16 21.51 -7.34
C SER A 117 24.97 22.67 -7.91
N ALA A 118 24.74 23.01 -9.19
CA ALA A 118 25.68 23.82 -9.95
C ALA A 118 25.27 25.29 -10.05
N ALA A 119 23.97 25.58 -10.03
CA ALA A 119 23.51 26.96 -10.09
C ALA A 119 24.19 27.79 -9.00
N GLY A 120 24.78 28.89 -9.39
CA GLY A 120 25.45 29.74 -8.41
C GLY A 120 26.93 29.41 -8.27
N HIS A 121 27.43 28.30 -8.84
CA HIS A 121 28.80 27.90 -8.61
C HIS A 121 29.68 27.91 -9.86
N PHE B 4 -3.29 1.86 8.71
CA PHE B 4 -3.28 2.68 7.47
C PHE B 4 -3.65 1.80 6.29
N LYS B 5 -3.96 2.45 5.19
CA LYS B 5 -4.30 1.72 3.99
C LYS B 5 -3.37 2.21 2.89
N VAL B 6 -3.14 1.34 1.92
CA VAL B 6 -2.45 1.70 0.70
C VAL B 6 -3.51 1.96 -0.35
N SER B 7 -3.33 3.06 -1.08
CA SER B 7 -4.26 3.47 -2.13
C SER B 7 -3.58 3.30 -3.49
N LEU B 8 -4.23 2.54 -4.37
CA LEU B 8 -3.78 2.22 -5.72
C LEU B 8 -4.88 2.69 -6.69
N PRO B 9 -4.91 3.98 -7.03
CA PRO B 9 -6.14 4.53 -7.62
C PRO B 9 -6.46 4.32 -9.10
N LEU B 10 -5.59 3.66 -9.85
CA LEU B 10 -5.68 3.68 -11.30
C LEU B 10 -4.96 2.44 -11.82
N ARG B 11 -5.47 1.85 -12.91
CA ARG B 11 -4.89 0.66 -13.52
C ARG B 11 -3.62 1.10 -14.26
N THR B 12 -2.45 0.65 -13.76
CA THR B 12 -1.14 1.04 -14.25
C THR B 12 -0.17 -0.13 -14.21
N ASN B 13 1.04 0.07 -14.78
CA ASN B 13 2.15 -0.85 -14.60
C ASN B 13 3.27 -0.19 -13.79
N TYR B 14 2.96 0.93 -13.14
CA TYR B 14 3.99 1.68 -12.44
C TYR B 14 3.59 2.06 -11.02
N LEU B 15 2.33 1.94 -10.60
CA LEU B 15 2.10 2.23 -9.19
C LEU B 15 1.87 0.95 -8.39
N TYR B 16 2.45 0.94 -7.18
CA TYR B 16 2.54 -0.30 -6.42
C TYR B 16 3.07 -0.02 -5.01
N GLY B 17 2.87 -1.02 -4.14
CA GLY B 17 3.56 -1.08 -2.87
C GLY B 17 4.59 -2.19 -2.84
N LYS B 18 5.58 -2.03 -1.95
CA LYS B 18 6.61 -3.03 -1.81
C LYS B 18 6.86 -3.28 -0.33
N ILE B 19 6.71 -4.53 0.06
CA ILE B 19 7.05 -4.90 1.41
C ILE B 19 8.56 -4.84 1.56
N LYS B 20 9.00 -4.22 2.65
CA LYS B 20 10.42 -4.01 2.87
C LYS B 20 11.08 -5.31 3.30
N LYS B 21 10.44 -6.12 4.16
CA LYS B 21 10.99 -7.41 4.53
C LYS B 21 10.74 -8.44 3.41
N THR B 22 11.70 -9.38 3.30
CA THR B 22 11.56 -10.58 2.48
C THR B 22 10.96 -11.67 3.35
N LEU B 23 10.73 -12.81 2.69
CA LEU B 23 10.28 -14.04 3.32
C LEU B 23 11.45 -15.00 3.60
N PRO B 24 11.36 -15.74 4.74
CA PRO B 24 12.20 -16.91 5.00
C PRO B 24 11.60 -18.07 4.20
N GLU B 25 12.17 -19.26 4.38
CA GLU B 25 11.69 -20.47 3.76
C GLU B 25 10.48 -20.95 4.56
N LEU B 26 9.30 -20.99 3.95
CA LEU B 26 8.09 -21.29 4.71
C LEU B 26 7.59 -22.69 4.36
N TYR B 27 7.28 -23.46 5.41
CA TYR B 27 6.65 -24.76 5.26
C TYR B 27 5.16 -24.60 5.51
N ALA B 28 4.76 -23.47 6.09
CA ALA B 28 3.35 -23.13 6.17
C ALA B 28 3.18 -21.63 6.32
N PHE B 29 1.99 -21.12 5.98
CA PHE B 29 1.73 -19.71 6.17
C PHE B 29 0.25 -19.42 6.35
N THR B 30 0.01 -18.22 6.86
CA THR B 30 -1.27 -17.56 6.74
C THR B 30 -1.01 -16.14 6.25
N ILE B 31 -1.73 -15.74 5.20
CA ILE B 31 -1.74 -14.39 4.66
C ILE B 31 -3.15 -13.82 4.86
N CYS B 32 -3.28 -12.71 5.59
CA CYS B 32 -4.56 -12.04 5.74
C CYS B 32 -4.41 -10.61 5.24
N LEU B 33 -5.51 -9.98 4.79
CA LEU B 33 -5.53 -8.58 4.41
C LEU B 33 -6.97 -8.13 4.25
N TRP B 34 -7.17 -6.83 4.42
CA TRP B 34 -8.37 -6.14 3.97
C TRP B 34 -8.11 -5.62 2.56
N LEU B 35 -9.14 -5.72 1.71
CA LEU B 35 -9.09 -5.12 0.38
C LEU B 35 -10.44 -4.57 -0.01
N ARG B 36 -10.40 -3.55 -0.87
CA ARG B 36 -11.60 -3.03 -1.51
C ARG B 36 -11.22 -2.71 -2.95
N SER B 37 -11.90 -3.34 -3.92
CA SER B 37 -11.57 -3.15 -5.33
C SER B 37 -12.68 -2.38 -6.04
N SER B 38 -12.29 -1.36 -6.79
CA SER B 38 -13.17 -0.64 -7.70
C SER B 38 -13.46 -1.46 -8.96
N ALA B 39 -12.47 -2.23 -9.38
CA ALA B 39 -12.46 -2.83 -10.70
C ALA B 39 -13.36 -4.06 -10.70
N SER B 40 -13.95 -4.34 -11.86
CA SER B 40 -15.17 -5.14 -11.95
C SER B 40 -14.99 -6.32 -12.90
N PRO B 41 -14.30 -6.15 -14.05
CA PRO B 41 -13.70 -7.32 -14.69
C PRO B 41 -12.49 -7.66 -13.81
N GLY B 42 -12.73 -8.28 -12.63
CA GLY B 42 -11.67 -8.89 -11.82
C GLY B 42 -10.89 -7.89 -10.96
N ILE B 43 -10.59 -8.28 -9.72
CA ILE B 43 -9.82 -7.46 -8.80
C ILE B 43 -8.35 -7.36 -9.23
N GLY B 44 -7.87 -8.22 -10.12
CA GLY B 44 -6.44 -8.17 -10.45
C GLY B 44 -5.60 -8.78 -9.32
N THR B 45 -4.47 -8.15 -8.97
CA THR B 45 -3.45 -8.83 -8.17
C THR B 45 -3.15 -8.03 -6.90
N PRO B 46 -3.82 -8.31 -5.77
CA PRO B 46 -3.59 -7.55 -4.54
C PRO B 46 -2.15 -7.76 -4.09
N PHE B 47 -1.60 -8.97 -4.23
CA PHE B 47 -0.20 -9.17 -3.87
C PHE B 47 0.46 -10.30 -4.68
N SER B 48 1.77 -10.19 -4.78
CA SER B 48 2.53 -11.24 -5.45
C SER B 48 3.92 -11.36 -4.81
N TYR B 49 4.45 -12.58 -4.86
CA TYR B 49 5.78 -12.89 -4.35
C TYR B 49 6.61 -13.57 -5.47
N ALA B 50 7.74 -12.95 -5.82
CA ALA B 50 8.61 -13.48 -6.86
C ALA B 50 10.00 -13.76 -6.29
N VAL B 51 10.59 -14.89 -6.73
CA VAL B 51 11.97 -15.25 -6.40
C VAL B 51 12.74 -15.49 -7.71
N PRO B 52 14.08 -15.45 -7.67
CA PRO B 52 14.88 -15.84 -8.82
C PRO B 52 14.47 -17.28 -9.08
N GLY B 53 14.15 -17.59 -10.33
CA GLY B 53 13.70 -18.92 -10.71
C GLY B 53 12.20 -18.97 -10.90
N GLN B 54 11.45 -18.13 -10.17
CA GLN B 54 10.01 -18.29 -10.15
C GLN B 54 9.30 -17.00 -9.74
N ALA B 55 8.76 -16.28 -10.72
CA ALA B 55 8.14 -14.98 -10.47
C ALA B 55 6.74 -15.14 -9.88
N ASN B 56 6.16 -16.34 -10.05
CA ASN B 56 4.84 -16.72 -9.57
C ASN B 56 4.94 -17.63 -8.36
N GLU B 57 5.76 -17.26 -7.38
CA GLU B 57 6.03 -18.13 -6.25
C GLU B 57 4.83 -18.12 -5.29
N ILE B 58 4.29 -16.96 -4.96
CA ILE B 58 2.93 -16.86 -4.42
C ILE B 58 2.21 -15.71 -5.13
N VAL B 59 0.99 -15.98 -5.59
CA VAL B 59 0.23 -14.96 -6.32
C VAL B 59 -1.24 -15.15 -5.96
N LEU B 60 -1.92 -14.05 -5.63
CA LEU B 60 -3.38 -14.00 -5.60
C LEU B 60 -3.82 -13.05 -6.72
N ILE B 61 -4.60 -13.58 -7.66
CA ILE B 61 -4.93 -12.88 -8.89
C ILE B 61 -6.31 -13.31 -9.40
N GLU B 62 -7.15 -12.30 -9.65
CA GLU B 62 -8.41 -12.44 -10.37
C GLU B 62 -8.31 -11.61 -11.65
N TRP B 63 -7.85 -12.25 -12.72
CA TRP B 63 -7.45 -11.56 -13.93
C TRP B 63 -8.64 -11.44 -14.86
N GLY B 64 -9.11 -10.19 -15.11
CA GLY B 64 -10.26 -10.00 -16.01
C GLY B 64 -11.47 -10.75 -15.49
N ASN B 65 -12.24 -11.39 -16.38
CA ASN B 65 -13.45 -12.09 -16.01
C ASN B 65 -13.17 -13.55 -15.62
N ASN B 66 -12.02 -13.85 -15.01
CA ASN B 66 -11.73 -15.24 -14.66
C ASN B 66 -11.89 -15.49 -13.17
N PRO B 67 -12.15 -16.73 -12.74
CA PRO B 67 -12.10 -17.09 -11.33
C PRO B 67 -10.80 -16.67 -10.67
N ILE B 68 -10.92 -16.11 -9.48
CA ILE B 68 -9.77 -15.76 -8.66
C ILE B 68 -8.97 -17.02 -8.34
N GLU B 69 -7.65 -16.88 -8.48
CA GLU B 69 -6.74 -18.02 -8.37
C GLU B 69 -5.66 -17.71 -7.31
N LEU B 70 -5.24 -18.76 -6.60
CA LEU B 70 -3.99 -18.76 -5.86
C LEU B 70 -2.97 -19.57 -6.64
N LEU B 71 -1.79 -18.99 -6.88
CA LEU B 71 -0.64 -19.68 -7.44
C LEU B 71 0.36 -19.88 -6.30
N ILE B 72 0.90 -21.10 -6.17
CA ILE B 72 2.09 -21.35 -5.36
C ILE B 72 3.03 -22.11 -6.28
N ASN B 73 4.22 -21.56 -6.50
CA ASN B 73 5.16 -22.19 -7.40
C ASN B 73 4.50 -22.43 -8.75
N ASP B 74 3.70 -21.44 -9.17
CA ASP B 74 3.08 -21.43 -10.50
C ASP B 74 2.09 -22.59 -10.66
N LYS B 75 1.64 -23.16 -9.53
CA LYS B 75 0.62 -24.19 -9.51
C LYS B 75 -0.64 -23.52 -9.00
N VAL B 76 -1.79 -23.92 -9.53
CA VAL B 76 -2.99 -23.12 -9.40
C VAL B 76 -4.05 -23.82 -8.55
N ALA B 77 -4.77 -23.03 -7.76
CA ALA B 77 -6.06 -23.42 -7.21
C ALA B 77 -7.01 -22.23 -7.33
N GLN B 78 -8.25 -22.52 -7.73
CA GLN B 78 -9.35 -21.58 -7.67
C GLN B 78 -9.84 -21.50 -6.23
N LEU B 79 -9.98 -20.27 -5.72
CA LEU B 79 -10.45 -20.05 -4.37
C LEU B 79 -11.91 -19.62 -4.38
N PRO B 80 -12.68 -19.94 -3.32
CA PRO B 80 -14.05 -19.46 -3.17
C PRO B 80 -14.11 -18.14 -2.43
N LEU B 81 -13.36 -17.15 -2.92
CA LEU B 81 -13.46 -15.75 -2.50
C LEU B 81 -14.36 -15.00 -3.48
N PHE B 82 -15.18 -14.10 -2.96
CA PHE B 82 -16.15 -13.35 -3.71
C PHE B 82 -16.00 -11.93 -3.23
N VAL B 83 -14.96 -11.24 -3.69
CA VAL B 83 -14.65 -9.96 -3.11
C VAL B 83 -14.62 -8.84 -4.14
N SER B 84 -15.18 -9.07 -5.35
CA SER B 84 -15.06 -8.07 -6.40
C SER B 84 -16.37 -7.30 -6.53
N ASP B 85 -16.90 -6.84 -5.39
CA ASP B 85 -18.20 -6.19 -5.34
C ASP B 85 -18.01 -4.71 -4.99
N GLY B 86 -16.76 -4.26 -4.90
CA GLY B 86 -16.51 -2.87 -4.58
C GLY B 86 -16.60 -2.52 -3.10
N LYS B 87 -16.93 -3.49 -2.24
CA LYS B 87 -16.94 -3.28 -0.80
C LYS B 87 -15.66 -3.80 -0.17
N TRP B 88 -15.33 -3.25 1.01
CA TRP B 88 -14.27 -3.81 1.82
C TRP B 88 -14.57 -5.27 2.17
N HIS B 89 -13.54 -6.12 2.07
CA HIS B 89 -13.63 -7.47 2.62
C HIS B 89 -12.29 -7.87 3.24
N HIS B 90 -12.39 -8.72 4.25
CA HIS B 90 -11.22 -9.33 4.86
C HIS B 90 -11.09 -10.74 4.31
N ILE B 91 -9.84 -11.13 3.98
CA ILE B 91 -9.59 -12.49 3.55
C ILE B 91 -8.36 -13.03 4.29
N CYS B 92 -8.40 -14.34 4.59
CA CYS B 92 -7.23 -15.07 5.04
C CYS B 92 -7.07 -16.29 4.17
N ILE B 93 -5.82 -16.56 3.77
CA ILE B 93 -5.46 -17.81 3.12
C ILE B 93 -4.43 -18.53 3.99
N THR B 94 -4.71 -19.78 4.35
CA THR B 94 -3.73 -20.62 5.03
C THR B 94 -3.27 -21.68 4.05
N TRP B 95 -2.02 -22.10 4.22
CA TRP B 95 -1.47 -23.17 3.43
C TRP B 95 -0.35 -23.86 4.18
N THR B 96 -0.19 -25.14 3.86
CA THR B 96 0.82 -26.00 4.44
C THR B 96 1.43 -26.83 3.32
N THR B 97 2.77 -26.91 3.36
N THR B 97 2.75 -26.97 3.37
CA THR B 97 3.58 -27.77 2.50
CA THR B 97 3.48 -27.75 2.39
C THR B 97 3.04 -29.19 2.54
C THR B 97 3.09 -29.23 2.53
N ARG B 98 2.69 -29.65 3.76
CA ARG B 98 2.24 -31.01 3.98
C ARG B 98 0.93 -31.22 3.20
N ASP B 99 1.02 -31.97 2.09
CA ASP B 99 -0.13 -32.30 1.25
C ASP B 99 -0.69 -31.06 0.54
N GLY B 100 0.05 -29.93 0.60
CA GLY B 100 -0.34 -28.67 -0.01
C GLY B 100 -1.79 -28.29 0.27
N MET B 101 -2.17 -28.23 1.56
CA MET B 101 -3.55 -28.03 1.95
C MET B 101 -3.76 -26.54 2.18
N TRP B 102 -4.81 -25.99 1.57
CA TRP B 102 -5.13 -24.58 1.74
C TRP B 102 -6.53 -24.40 2.30
N GLU B 103 -6.76 -23.23 2.88
CA GLU B 103 -8.06 -22.80 3.36
C GLU B 103 -8.26 -21.34 2.97
N ALA B 104 -9.51 -21.00 2.66
CA ALA B 104 -9.88 -19.64 2.30
C ALA B 104 -10.96 -19.12 3.25
N PHE B 105 -10.67 -17.98 3.85
CA PHE B 105 -11.59 -17.35 4.78
C PHE B 105 -11.94 -15.99 4.23
N GLN B 106 -13.22 -15.64 4.32
CA GLN B 106 -13.68 -14.31 3.93
C GLN B 106 -14.54 -13.72 5.04
N ASP B 107 -14.15 -12.54 5.54
CA ASP B 107 -14.87 -11.89 6.63
C ASP B 107 -15.01 -12.83 7.81
N GLY B 108 -13.93 -13.54 8.13
CA GLY B 108 -13.90 -14.38 9.31
C GLY B 108 -14.52 -15.76 9.08
N GLU B 109 -15.17 -15.97 7.93
CA GLU B 109 -15.87 -17.22 7.65
C GLU B 109 -15.07 -18.08 6.67
N LYS B 110 -14.97 -19.39 6.96
CA LYS B 110 -14.24 -20.30 6.09
C LYS B 110 -15.11 -20.70 4.92
N LEU B 111 -14.71 -20.38 3.68
CA LEU B 111 -15.57 -20.60 2.53
C LEU B 111 -15.16 -21.85 1.76
N GLY B 112 -13.96 -22.37 2.00
CA GLY B 112 -13.59 -23.66 1.42
C GLY B 112 -12.15 -24.04 1.74
N THR B 113 -11.81 -25.25 1.33
CA THR B 113 -10.47 -25.79 1.52
C THR B 113 -10.12 -26.58 0.28
N GLY B 114 -8.83 -26.87 0.08
CA GLY B 114 -8.43 -27.80 -0.94
C GLY B 114 -7.06 -28.41 -0.64
N GLU B 115 -6.68 -29.40 -1.45
CA GLU B 115 -5.43 -30.11 -1.24
C GLU B 115 -4.57 -30.03 -2.49
N ASN B 116 -3.32 -30.47 -2.34
CA ASN B 116 -2.50 -30.80 -3.48
C ASN B 116 -2.08 -29.54 -4.27
N LEU B 117 -1.96 -28.41 -3.57
CA LEU B 117 -1.45 -27.20 -4.17
C LEU B 117 0.04 -27.09 -3.81
N ALA B 118 0.91 -27.34 -4.80
CA ALA B 118 2.35 -27.30 -4.57
C ALA B 118 2.74 -28.12 -3.34
N PRO B 119 2.26 -29.38 -3.18
CA PRO B 119 2.57 -30.18 -1.99
C PRO B 119 4.07 -30.44 -1.90
N TRP B 120 4.66 -30.28 -0.71
CA TRP B 120 6.05 -30.65 -0.46
C TRP B 120 6.99 -29.56 -0.97
N HIS B 121 6.44 -28.50 -1.58
CA HIS B 121 7.23 -27.36 -2.00
C HIS B 121 7.35 -26.41 -0.81
N PRO B 122 8.54 -26.15 -0.24
CA PRO B 122 8.69 -25.04 0.70
C PRO B 122 8.69 -23.72 -0.10
N ILE B 123 8.20 -22.63 0.47
CA ILE B 123 8.30 -21.35 -0.20
C ILE B 123 9.76 -20.88 -0.15
N LYS B 124 10.29 -20.52 -1.32
CA LYS B 124 11.66 -20.07 -1.46
C LYS B 124 11.85 -18.73 -0.77
N PRO B 125 12.89 -18.62 0.08
CA PRO B 125 13.20 -17.35 0.73
C PRO B 125 13.75 -16.30 -0.23
N GLY B 126 13.77 -15.05 0.20
CA GLY B 126 14.65 -14.04 -0.37
C GLY B 126 13.99 -13.23 -1.48
N GLY B 127 12.73 -13.50 -1.79
CA GLY B 127 12.05 -12.85 -2.89
C GLY B 127 11.44 -11.50 -2.51
N VAL B 128 10.68 -10.95 -3.46
CA VAL B 128 10.10 -9.62 -3.30
C VAL B 128 8.58 -9.74 -3.28
N LEU B 129 7.98 -9.15 -2.23
CA LEU B 129 6.54 -9.08 -2.04
C LEU B 129 6.06 -7.74 -2.57
N ILE B 130 5.25 -7.76 -3.64
CA ILE B 130 4.72 -6.56 -4.26
C ILE B 130 3.21 -6.49 -3.94
N LEU B 131 2.75 -5.28 -3.61
CA LEU B 131 1.32 -4.99 -3.45
C LEU B 131 0.78 -4.26 -4.69
N GLY B 132 -0.20 -4.90 -5.31
CA GLY B 132 -1.02 -4.27 -6.33
C GLY B 132 -0.63 -4.65 -7.76
N GLN B 133 0.41 -5.47 -7.91
CA GLN B 133 0.93 -5.84 -9.22
C GLN B 133 1.35 -7.31 -9.21
N GLU B 134 1.33 -7.88 -10.41
CA GLU B 134 1.79 -9.23 -10.64
C GLU B 134 3.20 -9.13 -11.23
N GLN B 135 4.14 -9.93 -10.71
CA GLN B 135 5.54 -9.91 -11.14
C GLN B 135 5.86 -10.92 -12.25
N ASP B 136 6.62 -10.45 -13.26
CA ASP B 136 7.20 -11.35 -14.25
C ASP B 136 8.73 -11.42 -14.13
N THR B 137 9.33 -10.63 -13.23
CA THR B 137 10.69 -10.82 -12.76
C THR B 137 10.66 -10.41 -11.30
N VAL B 138 11.76 -10.66 -10.57
CA VAL B 138 11.84 -10.28 -9.17
C VAL B 138 11.69 -8.77 -9.05
N GLY B 139 10.53 -8.30 -8.57
CA GLY B 139 10.36 -6.89 -8.27
C GLY B 139 9.93 -6.04 -9.48
N GLY B 140 9.48 -6.70 -10.57
CA GLY B 140 9.21 -5.93 -11.78
C GLY B 140 8.50 -6.72 -12.87
N ARG B 141 8.53 -6.13 -14.08
CA ARG B 141 7.82 -6.58 -15.26
C ARG B 141 6.33 -6.75 -14.94
N PHE B 142 5.75 -5.63 -14.52
CA PHE B 142 4.33 -5.56 -14.16
C PHE B 142 3.48 -5.48 -15.43
N ASP B 143 2.21 -5.88 -15.32
CA ASP B 143 1.26 -5.91 -16.42
C ASP B 143 0.00 -5.19 -15.93
N ALA B 144 -0.32 -4.04 -16.52
CA ALA B 144 -1.45 -3.22 -16.12
C ALA B 144 -2.78 -3.99 -16.11
N THR B 145 -2.97 -4.95 -17.04
CA THR B 145 -4.21 -5.70 -17.09
C THR B 145 -4.35 -6.60 -15.87
N GLN B 146 -3.23 -6.81 -15.13
CA GLN B 146 -3.27 -7.65 -13.96
C GLN B 146 -3.26 -6.83 -12.69
N ALA B 147 -3.16 -5.50 -12.81
CA ALA B 147 -2.95 -4.66 -11.64
C ALA B 147 -4.21 -4.59 -10.77
N PHE B 148 -4.01 -4.43 -9.46
CA PHE B 148 -5.12 -4.22 -8.55
C PHE B 148 -5.41 -2.73 -8.46
N VAL B 149 -6.69 -2.36 -8.53
CA VAL B 149 -7.10 -0.96 -8.38
C VAL B 149 -8.04 -0.87 -7.18
N GLY B 150 -7.68 -0.06 -6.19
CA GLY B 150 -8.47 0.13 -4.99
C GLY B 150 -7.57 0.37 -3.77
N GLU B 151 -7.96 -0.27 -2.65
CA GLU B 151 -7.28 -0.07 -1.38
C GLU B 151 -7.02 -1.41 -0.71
N LEU B 152 -5.93 -1.44 0.04
CA LEU B 152 -5.41 -2.59 0.76
C LEU B 152 -5.05 -2.15 2.16
N SER B 153 -5.32 -2.98 3.18
CA SER B 153 -4.94 -2.66 4.56
C SER B 153 -4.66 -3.94 5.33
N GLN B 154 -3.78 -3.84 6.33
CA GLN B 154 -3.58 -4.90 7.32
C GLN B 154 -3.14 -6.19 6.64
N PHE B 155 -2.23 -6.06 5.67
CA PHE B 155 -1.58 -7.19 5.05
C PHE B 155 -0.54 -7.76 6.02
N ASN B 156 -0.75 -9.02 6.43
CA ASN B 156 0.06 -9.70 7.45
C ASN B 156 0.33 -11.11 6.99
N ILE B 157 1.53 -11.61 7.33
CA ILE B 157 1.91 -12.99 7.04
C ILE B 157 2.51 -13.62 8.29
N TRP B 158 2.00 -14.80 8.61
CA TRP B 158 2.49 -15.63 9.70
C TRP B 158 3.02 -16.91 9.09
N ASP B 159 3.90 -17.60 9.84
CA ASP B 159 4.49 -18.82 9.30
C ASP B 159 3.85 -20.05 9.92
N ARG B 160 2.55 -19.97 10.23
CA ARG B 160 1.78 -21.13 10.60
C ARG B 160 0.36 -20.94 10.09
N VAL B 161 -0.40 -22.02 10.16
CA VAL B 161 -1.82 -21.97 9.87
C VAL B 161 -2.52 -21.47 11.13
N LEU B 162 -2.97 -20.21 11.08
CA LEU B 162 -3.78 -19.66 12.15
C LEU B 162 -5.02 -20.54 12.32
N ARG B 163 -5.50 -20.63 13.56
CA ARG B 163 -6.76 -21.29 13.85
C ARG B 163 -7.96 -20.43 13.48
N ALA B 164 -9.07 -21.12 13.18
CA ALA B 164 -10.34 -20.52 12.81
C ALA B 164 -10.65 -19.35 13.73
N GLN B 165 -10.48 -19.58 15.03
CA GLN B 165 -10.90 -18.59 16.01
C GLN B 165 -10.03 -17.34 15.94
N GLU B 166 -8.74 -17.51 15.71
CA GLU B 166 -7.83 -16.40 15.52
C GLU B 166 -8.20 -15.56 14.28
N ILE B 167 -8.68 -16.22 13.21
CA ILE B 167 -9.03 -15.53 11.98
C ILE B 167 -10.27 -14.67 12.21
N ILE B 168 -11.22 -15.21 12.96
CA ILE B 168 -12.45 -14.52 13.28
C ILE B 168 -12.12 -13.21 13.98
N ASN B 169 -11.20 -13.30 14.93
CA ASN B 169 -10.84 -12.15 15.75
C ASN B 169 -10.08 -11.13 14.90
N ILE B 170 -9.22 -11.62 13.99
CA ILE B 170 -8.59 -10.70 13.07
C ILE B 170 -9.64 -10.06 12.15
N ALA B 171 -10.53 -10.87 11.57
CA ALA B 171 -11.52 -10.36 10.64
C ALA B 171 -12.40 -9.34 11.35
N ASN B 172 -12.63 -9.59 12.63
CA ASN B 172 -13.45 -8.73 13.46
C ASN B 172 -12.63 -7.57 13.95
N CYS B 173 -11.32 -7.59 13.70
CA CYS B 173 -10.43 -6.59 14.26
C CYS B 173 -10.55 -6.51 15.78
N SER B 174 -11.06 -7.56 16.43
CA SER B 174 -10.97 -7.67 17.88
C SER B 174 -9.57 -8.16 18.29
N THR B 175 -8.74 -8.51 17.28
CA THR B 175 -7.31 -8.72 17.42
C THR B 175 -6.61 -7.74 16.49
N ASN B 176 -5.36 -7.37 16.84
CA ASN B 176 -4.50 -6.59 15.97
C ASN B 176 -3.07 -7.13 15.93
N MET B 177 -2.86 -8.38 16.39
N MET B 177 -2.89 -8.39 16.35
CA MET B 177 -1.53 -8.97 16.48
CA MET B 177 -1.58 -9.05 16.42
C MET B 177 -0.92 -9.06 15.09
C MET B 177 -0.94 -9.02 15.04
N PRO B 178 0.25 -8.39 14.86
CA PRO B 178 0.90 -8.41 13.56
C PRO B 178 1.44 -9.77 13.17
N GLY B 179 1.52 -9.99 11.85
CA GLY B 179 2.20 -11.15 11.30
C GLY B 179 3.60 -11.25 11.90
N ASN B 180 3.97 -12.46 12.29
CA ASN B 180 5.26 -12.68 12.91
C ASN B 180 6.33 -12.67 11.82
N ILE B 181 5.94 -12.80 10.55
CA ILE B 181 6.89 -12.69 9.45
C ILE B 181 6.76 -11.32 8.77
N ILE B 182 5.56 -10.99 8.28
CA ILE B 182 5.30 -9.72 7.65
C ILE B 182 4.28 -8.97 8.50
N PRO B 183 4.71 -7.93 9.24
CA PRO B 183 3.81 -7.03 9.95
C PRO B 183 3.31 -5.87 9.08
N TRP B 184 2.09 -5.40 9.33
CA TRP B 184 1.58 -4.23 8.66
C TRP B 184 1.93 -2.99 9.48
N VAL B 185 3.09 -2.39 9.17
CA VAL B 185 3.56 -1.17 9.81
C VAL B 185 4.16 -0.28 8.73
N ASP B 186 4.19 1.03 9.02
CA ASP B 186 4.50 2.06 8.05
C ASP B 186 5.86 1.79 7.36
N ASN B 187 6.87 1.45 8.14
CA ASN B 187 8.21 1.29 7.63
C ASN B 187 8.45 -0.07 6.95
N ASN B 188 7.43 -0.92 6.86
CA ASN B 188 7.55 -2.19 6.20
C ASN B 188 6.80 -2.12 4.87
N VAL B 189 6.17 -0.98 4.56
CA VAL B 189 5.34 -0.84 3.36
C VAL B 189 5.69 0.43 2.59
N ASP B 190 6.51 0.26 1.55
CA ASP B 190 6.94 1.38 0.73
C ASP B 190 5.95 1.50 -0.42
N VAL B 191 5.76 2.73 -0.90
CA VAL B 191 4.88 2.94 -2.04
C VAL B 191 5.64 3.74 -3.10
N PHE B 192 5.16 3.64 -4.34
CA PHE B 192 5.89 4.11 -5.52
C PHE B 192 4.92 4.51 -6.61
N GLY B 193 5.34 5.48 -7.44
CA GLY B 193 4.72 5.73 -8.72
C GLY B 193 3.34 6.38 -8.64
N GLY B 194 2.92 6.84 -7.45
CA GLY B 194 1.59 7.40 -7.30
C GLY B 194 0.82 6.72 -6.17
N ALA B 195 1.19 5.48 -5.84
CA ALA B 195 0.60 4.81 -4.69
C ALA B 195 0.88 5.63 -3.42
N SER B 196 -0.11 5.67 -2.52
CA SER B 196 -0.05 6.49 -1.32
C SER B 196 -0.51 5.69 -0.10
N LYS B 197 -0.26 6.27 1.07
CA LYS B 197 -0.71 5.71 2.32
C LYS B 197 -1.53 6.73 3.09
N TRP B 198 -2.58 6.21 3.77
CA TRP B 198 -3.57 7.05 4.43
C TRP B 198 -4.13 6.35 5.66
N PRO B 199 -4.56 7.11 6.69
CA PRO B 199 -5.36 6.56 7.77
C PRO B 199 -6.54 5.79 7.19
N VAL B 200 -6.90 4.67 7.80
CA VAL B 200 -7.95 3.81 7.28
C VAL B 200 -9.12 3.94 8.24
N GLU B 201 -10.34 3.82 7.72
CA GLU B 201 -11.56 3.80 8.50
C GLU B 201 -11.49 2.62 9.46
N THR B 202 -12.23 2.67 10.57
CA THR B 202 -12.37 1.54 11.48
C THR B 202 -13.05 0.37 10.77
N CYS B 203 -12.98 -0.82 11.38
CA CYS B 203 -13.52 -2.02 10.77
C CYS B 203 -15.02 -1.86 10.54
N GLU B 204 -15.71 -1.20 11.47
CA GLU B 204 -17.14 -1.10 11.38
C GLU B 204 -17.50 -0.11 10.27
N GLU B 205 -16.80 1.03 10.21
CA GLU B 205 -17.03 2.05 9.19
C GLU B 205 -16.89 1.50 7.77
N ARG B 206 -15.86 0.67 7.56
CA ARG B 206 -15.66 -0.05 6.31
C ARG B 206 -16.93 -0.77 5.86
N LEU B 207 -17.39 -1.70 6.70
CA LEU B 207 -18.41 -2.67 6.36
C LEU B 207 -19.79 -2.00 6.27
N LEU B 208 -19.86 -0.72 6.65
CA LEU B 208 -21.02 0.10 6.34
C LEU B 208 -20.99 0.40 4.84
N1 AZI C . -1.88 9.43 -7.79
N2 AZI C . -1.34 10.42 -7.98
N3 AZI C . -0.90 11.45 -8.21
CA CA D . 4.12 -13.48 -13.38
CA CA E . 2.45 -10.99 -15.55
CL CL F . 9.77 -2.17 -11.12
C1 GOL G . -10.18 8.76 2.93
O1 GOL G . -9.48 8.54 1.70
C2 GOL G . -9.33 8.27 4.07
O2 GOL G . -10.12 7.48 4.97
C3 GOL G . -8.63 9.40 4.80
O3 GOL G . -7.48 8.90 5.49
CL CL H . 2.17 -16.00 15.80
#